data_8QLI
#
_entry.id   8QLI
#
_cell.length_a   77.540
_cell.length_b   38.770
_cell.length_c   75.170
_cell.angle_alpha   90.000
_cell.angle_beta   116.910
_cell.angle_gamma   90.000
#
_symmetry.space_group_name_H-M   'C 1 2 1'
#
loop_
_entity.id
_entity.type
_entity.pdbx_description
1 polymer 'Alginate lyase'
2 branched 'beta-D-mannopyranuronic acid-(1-4)-beta-D-mannopyranuronic acid-(1-4)-beta-D-mannopyranuronic acid-(1-4)-beta-D-mannopyranuronic acid'
3 water water
#
_entity_poly.entity_id   1
_entity_poly.type   'polypeptide(L)'
_entity_poly.pdbx_seq_one_letter_code
;EFLTAVSSIDTFLPVLNEAKLQWPTSALAASSEELLGGYVGSQFYLQDGKYMQFQIAGSSNRCELRQMIPDGGSEIGWAV
DDGTTHTATSSIVVPEQVDGVEEVTIMQINSGEAPQLRISWIRSKSLDGVAYEDFIMSTVRIGTGDSSDNFVKTHLADRT
AGAMSFQIDVKDSKLTITVNGNVVVNGQDLSFWDGTDSCYFKAGAYNNNPTSESATARIKFAALAWVDHHHHHH
;
_entity_poly.pdbx_strand_id   A
#
loop_
_chem_comp.id
_chem_comp.type
_chem_comp.name
_chem_comp.formula
BEM D-saccharide, beta linking 'beta-D-mannopyranuronic acid' 'C6 H10 O7'
#
# COMPACT_ATOMS: atom_id res chain seq x y z
N PHE A 2 -10.46 -3.90 25.10
CA PHE A 2 -10.70 -2.54 24.62
C PHE A 2 -9.60 -2.08 23.67
N LEU A 3 -9.98 -1.71 22.45
CA LEU A 3 -9.03 -1.28 21.44
C LEU A 3 -9.08 0.23 21.31
N THR A 4 -7.91 0.84 21.16
CA THR A 4 -7.78 2.29 21.03
C THR A 4 -7.90 2.68 19.56
N ALA A 5 -8.70 3.70 19.27
CA ALA A 5 -8.90 4.12 17.89
C ALA A 5 -7.67 4.86 17.35
N VAL A 6 -7.40 4.64 16.06
CA VAL A 6 -6.30 5.33 15.40
C VAL A 6 -6.48 6.84 15.48
N SER A 7 -7.72 7.32 15.34
CA SER A 7 -8.00 8.75 15.37
C SER A 7 -7.86 9.38 16.75
N SER A 8 -7.56 8.60 17.80
CA SER A 8 -7.43 9.16 19.13
C SER A 8 -6.14 9.94 19.35
N ILE A 9 -5.16 9.80 18.45
CA ILE A 9 -3.95 10.61 18.48
C ILE A 9 -3.94 11.44 17.21
N ASP A 10 -2.98 12.36 17.12
CA ASP A 10 -2.96 13.29 15.99
CA ASP A 10 -2.95 13.28 16.00
C ASP A 10 -2.19 12.76 14.79
N THR A 11 -1.35 11.73 14.98
CA THR A 11 -0.37 11.37 13.96
C THR A 11 -0.99 11.07 12.61
N PHE A 12 -2.13 10.40 12.58
CA PHE A 12 -2.71 9.92 11.34
C PHE A 12 -3.89 10.76 10.87
N LEU A 13 -4.25 11.82 11.58
CA LEU A 13 -5.44 12.56 11.18
C LEU A 13 -5.32 13.15 9.78
N PRO A 14 -4.17 13.70 9.37
CA PRO A 14 -4.12 14.24 8.00
C PRO A 14 -4.44 13.21 6.94
N VAL A 15 -3.93 11.98 7.05
CA VAL A 15 -4.24 11.00 6.03
C VAL A 15 -5.65 10.46 6.18
N LEU A 16 -6.15 10.30 7.41
CA LEU A 16 -7.53 9.83 7.57
C LEU A 16 -8.51 10.83 6.97
N ASN A 17 -8.17 12.12 6.97
CA ASN A 17 -8.99 13.15 6.34
C ASN A 17 -8.94 13.09 4.83
N GLU A 18 -8.13 12.19 4.26
CA GLU A 18 -8.00 12.00 2.83
CA GLU A 18 -8.05 12.01 2.81
C GLU A 18 -8.04 10.52 2.47
N ALA A 19 -8.85 9.74 3.18
CA ALA A 19 -8.94 8.32 2.90
C ALA A 19 -10.30 7.79 3.34
N LYS A 20 -10.74 6.72 2.68
CA LYS A 20 -11.76 5.82 3.20
C LYS A 20 -11.11 4.46 3.43
N LEU A 21 -11.72 3.63 4.27
N LEU A 21 -11.70 3.68 4.32
CA LEU A 21 -11.15 2.34 4.64
CA LEU A 21 -11.19 2.34 4.61
C LEU A 21 -12.00 1.20 4.09
C LEU A 21 -12.05 1.30 3.92
N GLN A 22 -11.40 0.34 3.27
CA GLN A 22 -12.05 -0.83 2.73
CA GLN A 22 -12.04 -0.83 2.72
C GLN A 22 -11.71 -2.03 3.60
N TRP A 23 -12.75 -2.73 4.06
CA TRP A 23 -12.56 -3.88 4.93
C TRP A 23 -13.87 -4.65 5.01
N PRO A 24 -13.86 -5.97 4.83
CA PRO A 24 -12.73 -6.84 4.47
C PRO A 24 -12.53 -7.00 2.96
N THR A 25 -13.29 -6.29 2.15
CA THR A 25 -13.15 -6.32 0.70
C THR A 25 -13.30 -4.90 0.17
N SER A 26 -13.00 -4.75 -1.12
CA SER A 26 -13.02 -3.42 -1.75
C SER A 26 -14.39 -2.78 -1.68
N ALA A 27 -15.45 -3.57 -1.73
CA ALA A 27 -16.80 -3.02 -1.84
C ALA A 27 -17.40 -2.61 -0.51
N LEU A 28 -16.80 -3.00 0.63
CA LEU A 28 -17.30 -2.68 1.95
C LEU A 28 -16.39 -1.62 2.55
N ALA A 29 -16.90 -0.40 2.72
CA ALA A 29 -16.05 0.72 3.10
C ALA A 29 -16.65 1.53 4.23
N ALA A 30 -15.75 2.20 4.97
CA ALA A 30 -16.07 3.22 5.95
C ALA A 30 -15.47 4.55 5.50
N SER A 31 -16.26 5.61 5.60
CA SER A 31 -15.84 6.90 5.06
C SER A 31 -14.76 7.57 5.91
N SER A 32 -14.15 8.58 5.30
CA SER A 32 -13.21 9.43 6.02
C SER A 32 -13.84 9.98 7.29
N GLU A 33 -15.07 10.47 7.18
CA GLU A 33 -15.77 11.00 8.35
C GLU A 33 -15.85 9.95 9.45
N GLU A 34 -16.16 8.70 9.10
CA GLU A 34 -16.23 7.64 10.10
C GLU A 34 -14.86 7.34 10.70
N LEU A 35 -13.80 7.38 9.88
CA LEU A 35 -12.46 7.16 10.40
C LEU A 35 -12.09 8.26 11.40
N LEU A 36 -12.32 9.51 11.03
CA LEU A 36 -12.03 10.64 11.92
C LEU A 36 -12.89 10.60 13.17
N GLY A 37 -14.06 9.98 13.08
CA GLY A 37 -14.99 9.87 14.18
C GLY A 37 -14.75 8.72 15.12
N GLY A 38 -13.61 8.04 15.02
CA GLY A 38 -13.26 7.02 15.98
C GLY A 38 -13.46 5.59 15.54
N TYR A 39 -13.64 5.32 14.25
CA TYR A 39 -13.70 3.95 13.76
C TYR A 39 -12.59 3.13 14.39
N VAL A 40 -12.93 1.95 14.89
CA VAL A 40 -11.96 1.04 15.48
C VAL A 40 -12.50 -0.38 15.37
N GLY A 41 -11.59 -1.33 15.28
CA GLY A 41 -11.91 -2.74 15.40
C GLY A 41 -10.61 -3.51 15.36
N SER A 42 -10.69 -4.83 15.55
CA SER A 42 -9.47 -5.64 15.49
C SER A 42 -8.74 -5.49 14.16
N GLN A 43 -9.47 -5.19 13.09
CA GLN A 43 -8.86 -4.99 11.78
C GLN A 43 -8.05 -3.70 11.66
N PHE A 44 -8.27 -2.72 12.54
CA PHE A 44 -7.76 -1.36 12.34
C PHE A 44 -7.80 -0.66 13.70
N TYR A 45 -6.65 -0.63 14.39
CA TYR A 45 -6.61 -0.03 15.72
C TYR A 45 -5.21 0.50 15.98
N LEU A 46 -5.09 1.30 17.01
CA LEU A 46 -3.82 1.89 17.42
C LEU A 46 -3.09 0.92 18.33
N GLN A 47 -1.94 0.43 17.88
CA GLN A 47 -1.18 -0.57 18.62
C GLN A 47 0.02 0.10 19.29
N ASP A 48 0.24 -0.28 20.54
CA ASP A 48 1.28 0.29 21.42
C ASP A 48 1.35 1.82 21.36
N GLY A 49 0.19 2.46 21.32
CA GLY A 49 0.11 3.89 21.41
C GLY A 49 0.59 4.65 20.19
N LYS A 50 1.00 3.97 19.11
CA LYS A 50 1.64 4.70 18.03
CA LYS A 50 1.64 4.69 18.03
C LYS A 50 1.45 4.10 16.64
N TYR A 51 1.03 2.84 16.52
CA TYR A 51 0.96 2.22 15.19
C TYR A 51 -0.48 2.13 14.72
N MET A 52 -0.73 2.61 13.51
CA MET A 52 -1.97 2.31 12.81
C MET A 52 -1.81 0.89 12.27
N GLN A 53 -2.42 -0.09 12.93
CA GLN A 53 -2.22 -1.50 12.59
C GLN A 53 -3.41 -2.03 11.80
N PHE A 54 -3.11 -2.69 10.68
CA PHE A 54 -4.08 -3.36 9.84
C PHE A 54 -3.94 -4.87 9.99
N GLN A 55 -5.06 -5.58 10.07
CA GLN A 55 -5.08 -7.04 10.13
C GLN A 55 -6.15 -7.57 9.20
N ILE A 56 -5.84 -8.64 8.48
CA ILE A 56 -6.81 -9.25 7.56
C ILE A 56 -6.38 -10.68 7.25
N ALA A 57 -7.37 -11.57 7.20
CA ALA A 57 -7.19 -12.94 6.72
C ALA A 57 -8.06 -13.17 5.49
N GLY A 58 -7.68 -14.16 4.70
CA GLY A 58 -8.46 -14.61 3.56
C GLY A 58 -7.86 -14.18 2.24
N SER A 59 -8.05 -15.03 1.23
CA SER A 59 -7.49 -14.76 -0.09
C SER A 59 -8.07 -13.50 -0.70
N SER A 60 -7.20 -12.56 -1.02
CA SER A 60 -7.53 -11.30 -1.68
C SER A 60 -8.43 -10.43 -0.83
N ASN A 61 -8.55 -10.69 0.46
CA ASN A 61 -9.21 -9.76 1.35
CA ASN A 61 -9.21 -9.76 1.35
C ASN A 61 -8.24 -8.63 1.73
N ARG A 62 -8.79 -7.55 2.26
CA ARG A 62 -7.99 -6.39 2.58
C ARG A 62 -8.54 -5.65 3.78
N CYS A 63 -7.64 -4.91 4.43
CA CYS A 63 -7.99 -3.79 5.29
C CYS A 63 -7.08 -2.69 4.78
N GLU A 64 -7.63 -1.73 4.04
CA GLU A 64 -6.79 -0.85 3.25
CA GLU A 64 -6.78 -0.86 3.26
C GLU A 64 -7.42 0.52 3.12
N LEU A 65 -6.60 1.56 3.30
CA LEU A 65 -7.01 2.92 3.02
C LEU A 65 -6.93 3.20 1.52
N ARG A 66 -7.90 4.00 1.04
CA ARG A 66 -8.06 4.35 -0.36
C ARG A 66 -8.11 5.88 -0.43
N GLN A 67 -7.22 6.47 -1.22
CA GLN A 67 -7.08 7.92 -1.23
C GLN A 67 -8.36 8.61 -1.68
N MET A 68 -8.77 9.64 -0.94
CA MET A 68 -9.92 10.47 -1.23
C MET A 68 -9.48 11.92 -1.35
N ILE A 69 -10.31 12.73 -2.00
CA ILE A 69 -10.15 14.18 -1.98
C ILE A 69 -10.30 14.64 -0.54
N PRO A 70 -9.44 15.52 -0.04
N PRO A 70 -9.43 15.51 -0.03
CA PRO A 70 -9.46 15.84 1.39
CA PRO A 70 -9.49 15.82 1.40
C PRO A 70 -10.72 16.57 1.81
C PRO A 70 -10.80 16.47 1.81
N ASP A 71 -10.98 16.56 3.12
CA ASP A 71 -12.04 17.36 3.72
C ASP A 71 -13.42 16.93 3.22
N GLY A 72 -13.70 15.64 3.35
CA GLY A 72 -15.01 15.12 2.99
C GLY A 72 -15.27 14.98 1.52
N GLY A 73 -14.23 15.01 0.70
CA GLY A 73 -14.39 14.91 -0.73
C GLY A 73 -14.67 13.51 -1.21
N SER A 74 -14.86 13.39 -2.52
CA SER A 74 -15.17 12.11 -3.13
C SER A 74 -13.87 11.41 -3.56
N GLU A 75 -14.01 10.31 -4.28
CA GLU A 75 -12.87 9.50 -4.67
C GLU A 75 -11.94 10.30 -5.56
N ILE A 76 -10.66 10.24 -5.30
CA ILE A 76 -9.72 10.97 -6.14
C ILE A 76 -9.35 10.11 -7.35
N GLY A 77 -9.03 10.79 -8.43
CA GLY A 77 -8.46 10.15 -9.60
C GLY A 77 -7.46 11.12 -10.22
N TRP A 78 -6.20 10.74 -10.27
CA TRP A 78 -5.18 11.56 -10.87
C TRP A 78 -4.46 10.77 -11.96
N ALA A 79 -3.55 11.42 -12.66
CA ALA A 79 -2.85 10.83 -13.79
C ALA A 79 -1.36 10.94 -13.60
N VAL A 80 -0.63 9.96 -14.13
CA VAL A 80 0.82 9.98 -14.00
C VAL A 80 1.42 11.11 -14.80
N ASP A 81 0.70 11.62 -15.79
CA ASP A 81 1.16 12.66 -16.69
CA ASP A 81 1.17 12.67 -16.69
C ASP A 81 0.37 13.96 -16.54
N ASP A 82 -0.27 14.17 -15.40
CA ASP A 82 -1.03 15.42 -15.22
C ASP A 82 -0.15 16.59 -14.81
N GLY A 83 1.17 16.40 -14.73
CA GLY A 83 2.09 17.46 -14.38
C GLY A 83 2.32 17.63 -12.90
N THR A 84 1.42 17.16 -12.05
CA THR A 84 1.56 17.25 -10.61
C THR A 84 2.45 16.12 -10.09
N THR A 85 3.23 16.41 -9.06
CA THR A 85 3.96 15.36 -8.37
C THR A 85 3.05 14.74 -7.32
N HIS A 86 2.84 13.44 -7.42
CA HIS A 86 2.03 12.69 -6.47
C HIS A 86 2.97 11.88 -5.59
N THR A 87 2.91 12.13 -4.30
CA THR A 87 3.87 11.55 -3.36
C THR A 87 3.13 10.87 -2.23
N ALA A 88 3.55 9.64 -1.92
CA ALA A 88 3.09 8.93 -0.74
C ALA A 88 4.30 8.61 0.11
N THR A 89 4.22 8.87 1.40
CA THR A 89 5.28 8.53 2.34
C THR A 89 4.71 7.65 3.44
N SER A 90 5.57 6.81 4.01
CA SER A 90 5.14 6.00 5.13
C SER A 90 6.35 5.56 5.94
N SER A 91 6.06 5.09 7.14
CA SER A 91 7.04 4.40 7.97
C SER A 91 6.31 3.16 8.48
N ILE A 92 6.83 1.98 8.18
CA ILE A 92 6.10 0.73 8.35
C ILE A 92 6.96 -0.24 9.15
N VAL A 93 6.36 -0.87 10.17
CA VAL A 93 6.94 -2.03 10.81
C VAL A 93 6.18 -3.24 10.30
N VAL A 94 6.88 -4.11 9.58
CA VAL A 94 6.31 -5.38 9.12
C VAL A 94 6.74 -6.43 10.13
N PRO A 95 5.86 -6.91 11.00
CA PRO A 95 6.24 -7.95 11.96
C PRO A 95 6.36 -9.27 11.22
N GLU A 96 6.79 -10.31 11.94
CA GLU A 96 6.88 -11.63 11.33
C GLU A 96 5.48 -12.07 10.90
N GLN A 97 5.33 -12.52 9.65
CA GLN A 97 4.04 -12.97 9.18
C GLN A 97 3.84 -14.44 9.49
N VAL A 98 2.64 -14.78 9.93
CA VAL A 98 2.35 -16.16 10.35
C VAL A 98 2.31 -17.08 9.14
N ASP A 99 2.48 -18.37 9.43
CA ASP A 99 2.41 -19.39 8.38
C ASP A 99 1.10 -19.26 7.63
N GLY A 100 1.19 -19.41 6.32
CA GLY A 100 0.06 -19.28 5.46
C GLY A 100 -0.05 -17.94 4.78
N VAL A 101 0.55 -16.89 5.34
CA VAL A 101 0.63 -15.60 4.69
C VAL A 101 1.86 -15.60 3.78
N GLU A 102 1.66 -15.29 2.50
CA GLU A 102 2.71 -15.41 1.50
CA GLU A 102 2.69 -15.42 1.48
C GLU A 102 3.07 -14.09 0.83
N GLU A 103 2.13 -13.16 0.71
CA GLU A 103 2.39 -11.87 0.11
CA GLU A 103 2.38 -11.87 0.10
C GLU A 103 1.37 -10.89 0.66
N VAL A 104 1.83 -9.73 1.11
CA VAL A 104 0.94 -8.71 1.65
C VAL A 104 1.30 -7.39 0.98
N THR A 105 0.36 -6.85 0.22
CA THR A 105 0.56 -5.55 -0.39
C THR A 105 0.27 -4.46 0.64
N ILE A 106 1.25 -3.58 0.82
CA ILE A 106 1.22 -2.57 1.88
C ILE A 106 1.09 -1.15 1.36
N MET A 107 1.48 -0.86 0.12
CA MET A 107 1.19 0.42 -0.52
C MET A 107 0.90 0.15 -1.99
N GLN A 108 0.05 0.96 -2.59
CA GLN A 108 -0.26 0.83 -4.01
C GLN A 108 -0.44 2.19 -4.68
N ILE A 109 -0.23 2.19 -5.99
CA ILE A 109 -0.94 3.08 -6.91
C ILE A 109 -1.88 2.18 -7.67
N ASN A 110 -3.18 2.40 -7.52
CA ASN A 110 -4.18 1.64 -8.24
C ASN A 110 -4.98 2.61 -9.11
N SER A 111 -5.85 2.05 -9.94
CA SER A 111 -6.62 2.87 -10.88
C SER A 111 -7.85 2.08 -11.30
N GLY A 112 -8.63 2.69 -12.18
CA GLY A 112 -9.76 2.03 -12.78
C GLY A 112 -9.42 1.03 -13.85
N GLU A 113 -8.14 0.77 -14.08
CA GLU A 113 -7.72 -0.19 -15.10
C GLU A 113 -6.94 -1.36 -14.52
N ALA A 114 -5.90 -1.10 -13.76
CA ALA A 114 -5.06 -2.15 -13.20
C ALA A 114 -4.15 -1.45 -12.21
N PRO A 115 -3.46 -2.19 -11.34
CA PRO A 115 -2.55 -1.54 -10.39
CA PRO A 115 -2.55 -1.55 -10.39
C PRO A 115 -1.25 -1.14 -11.08
N GLN A 116 -0.99 0.16 -11.11
CA GLN A 116 0.28 0.63 -11.64
C GLN A 116 1.43 0.13 -10.78
N LEU A 117 1.25 0.13 -9.47
CA LEU A 117 2.34 -0.20 -8.54
C LEU A 117 1.79 -0.88 -7.32
N ARG A 118 2.42 -1.98 -6.91
N ARG A 118 2.41 -1.97 -6.93
CA ARG A 118 2.21 -2.56 -5.58
CA ARG A 118 2.26 -2.53 -5.60
C ARG A 118 3.55 -2.74 -4.90
C ARG A 118 3.62 -2.59 -4.94
N ILE A 119 3.66 -2.24 -3.67
CA ILE A 119 4.78 -2.54 -2.80
C ILE A 119 4.26 -3.61 -1.85
N SER A 120 4.95 -4.75 -1.80
CA SER A 120 4.46 -5.87 -1.00
CA SER A 120 4.47 -5.87 -1.01
C SER A 120 5.58 -6.54 -0.24
N TRP A 121 5.22 -7.08 0.92
CA TRP A 121 6.05 -8.07 1.58
C TRP A 121 5.84 -9.41 0.91
N ILE A 122 6.93 -10.15 0.70
CA ILE A 122 6.91 -11.43 -0.01
CA ILE A 122 6.84 -11.44 0.04
C ILE A 122 7.71 -12.44 0.79
N ARG A 123 7.16 -13.63 1.00
CA ARG A 123 7.86 -14.67 1.76
C ARG A 123 9.08 -15.20 1.00
N SER A 124 8.93 -15.51 -0.28
N SER A 124 8.90 -15.57 -0.26
CA SER A 124 10.02 -16.16 -1.02
CA SER A 124 9.95 -16.16 -1.07
C SER A 124 9.80 -16.00 -2.52
C SER A 124 9.72 -15.78 -2.53
N LYS A 125 10.81 -15.51 -3.24
CA LYS A 125 10.68 -15.34 -4.68
CA LYS A 125 10.69 -15.34 -4.69
C LYS A 125 12.06 -15.21 -5.31
N SER A 126 12.20 -15.78 -6.50
CA SER A 126 13.38 -15.57 -7.33
C SER A 126 13.10 -14.46 -8.32
N LEU A 127 14.02 -13.49 -8.41
CA LEU A 127 13.92 -12.37 -9.34
C LEU A 127 15.19 -12.32 -10.16
N ASP A 128 15.04 -12.46 -11.48
CA ASP A 128 16.17 -12.33 -12.40
C ASP A 128 17.34 -13.21 -11.98
N GLY A 129 17.03 -14.44 -11.57
CA GLY A 129 18.03 -15.43 -11.24
C GLY A 129 18.54 -15.40 -9.81
N VAL A 130 18.02 -14.52 -8.96
CA VAL A 130 18.46 -14.41 -7.58
C VAL A 130 17.29 -14.69 -6.64
N ALA A 131 17.49 -15.61 -5.71
CA ALA A 131 16.48 -15.91 -4.71
C ALA A 131 16.51 -14.89 -3.58
N TYR A 132 15.33 -14.43 -3.18
CA TYR A 132 15.17 -13.54 -2.04
C TYR A 132 14.12 -14.11 -1.11
N GLU A 133 14.22 -13.76 0.17
CA GLU A 133 13.32 -14.27 1.20
CA GLU A 133 13.32 -14.27 1.20
C GLU A 133 12.94 -13.15 2.14
N ASP A 134 11.69 -13.17 2.61
CA ASP A 134 11.23 -12.29 3.67
C ASP A 134 11.61 -10.83 3.37
N PHE A 135 11.09 -10.33 2.25
CA PHE A 135 11.57 -9.09 1.70
C PHE A 135 10.44 -8.23 1.17
N ILE A 136 10.79 -6.99 0.84
CA ILE A 136 9.85 -6.01 0.29
C ILE A 136 10.16 -5.81 -1.18
N MET A 137 9.13 -5.90 -2.01
CA MET A 137 9.23 -5.91 -3.46
C MET A 137 8.35 -4.83 -4.04
N SER A 138 8.75 -4.28 -5.18
CA SER A 138 7.84 -3.49 -6.00
C SER A 138 7.45 -4.29 -7.23
N THR A 139 6.18 -4.15 -7.62
CA THR A 139 5.65 -4.68 -8.87
C THR A 139 5.02 -3.53 -9.62
N VAL A 140 5.56 -3.21 -10.78
CA VAL A 140 5.07 -2.13 -11.63
C VAL A 140 4.49 -2.75 -12.88
N ARG A 141 3.29 -2.35 -13.26
CA ARG A 141 2.72 -2.79 -14.53
C ARG A 141 3.15 -1.89 -15.68
N ILE A 142 3.60 -2.53 -16.77
CA ILE A 142 3.94 -1.85 -18.01
C ILE A 142 3.00 -2.26 -19.14
N GLY A 143 1.97 -3.04 -18.84
CA GLY A 143 0.95 -3.42 -19.80
C GLY A 143 -0.21 -4.01 -19.03
N THR A 144 -1.24 -4.45 -19.77
CA THR A 144 -2.47 -4.96 -19.18
C THR A 144 -2.57 -6.47 -19.22
N GLY A 145 -1.60 -7.18 -19.82
CA GLY A 145 -1.66 -8.62 -19.88
C GLY A 145 -1.29 -9.27 -18.56
N ASP A 146 -1.30 -10.61 -18.58
CA ASP A 146 -1.09 -11.40 -17.38
C ASP A 146 0.31 -11.99 -17.27
N SER A 147 1.02 -12.14 -18.38
CA SER A 147 2.32 -12.78 -18.39
C SER A 147 3.36 -11.86 -17.77
N SER A 148 4.52 -12.44 -17.44
CA SER A 148 5.52 -11.73 -16.66
C SER A 148 6.04 -10.49 -17.36
N ASP A 149 6.04 -10.45 -18.69
N ASP A 149 5.99 -10.48 -18.71
CA ASP A 149 6.59 -9.27 -19.32
CA ASP A 149 6.48 -9.35 -19.47
C ASP A 149 5.61 -8.09 -19.32
C ASP A 149 5.70 -8.08 -19.20
N ASN A 150 4.51 -8.18 -18.59
CA ASN A 150 3.68 -7.04 -18.28
C ASN A 150 4.09 -6.35 -16.98
N PHE A 151 5.11 -6.86 -16.29
CA PHE A 151 5.48 -6.37 -14.97
C PHE A 151 6.98 -6.17 -14.88
N VAL A 152 7.38 -5.22 -14.05
CA VAL A 152 8.76 -5.06 -13.61
C VAL A 152 8.74 -5.24 -12.10
N LYS A 153 9.45 -6.25 -11.62
CA LYS A 153 9.50 -6.57 -10.20
C LYS A 153 10.92 -6.32 -9.70
N THR A 154 11.03 -5.70 -8.53
CA THR A 154 12.32 -5.29 -7.99
C THR A 154 12.40 -5.62 -6.52
N HIS A 155 13.51 -6.22 -6.09
CA HIS A 155 13.79 -6.36 -4.66
C HIS A 155 14.16 -4.99 -4.10
N LEU A 156 13.38 -4.49 -3.15
CA LEU A 156 13.65 -3.19 -2.57
C LEU A 156 14.54 -3.29 -1.34
N ALA A 157 14.23 -4.20 -0.43
CA ALA A 157 14.97 -4.35 0.82
C ALA A 157 14.47 -5.60 1.51
N ASP A 158 15.36 -6.28 2.23
CA ASP A 158 14.90 -7.34 3.12
C ASP A 158 14.10 -6.73 4.27
N ARG A 159 13.14 -7.48 4.79
CA ARG A 159 12.34 -6.99 5.90
C ARG A 159 13.23 -6.73 7.10
N THR A 160 13.05 -5.59 7.76
CA THR A 160 13.84 -5.23 8.93
C THR A 160 13.04 -5.36 10.20
N ALA A 161 13.77 -5.51 11.30
CA ALA A 161 13.15 -5.51 12.62
C ALA A 161 12.47 -4.17 12.89
N GLY A 162 13.14 -3.07 12.61
CA GLY A 162 12.62 -1.76 12.90
C GLY A 162 11.80 -1.18 11.78
N ALA A 163 11.26 0.00 12.04
CA ALA A 163 10.47 0.70 11.05
C ALA A 163 11.29 0.96 9.80
N MET A 164 10.61 0.88 8.66
CA MET A 164 11.21 1.08 7.36
C MET A 164 10.43 2.20 6.68
N SER A 165 11.15 3.22 6.21
CA SER A 165 10.48 4.34 5.57
C SER A 165 10.37 4.10 4.07
N PHE A 166 9.29 4.62 3.50
CA PHE A 166 9.05 4.55 2.07
C PHE A 166 8.65 5.92 1.55
N GLN A 167 9.07 6.21 0.33
CA GLN A 167 8.56 7.35 -0.41
C GLN A 167 8.34 6.92 -1.84
N ILE A 168 7.13 7.16 -2.34
CA ILE A 168 6.76 6.91 -3.72
C ILE A 168 6.52 8.26 -4.35
N ASP A 169 7.23 8.58 -5.43
CA ASP A 169 7.04 9.84 -6.16
C ASP A 169 6.69 9.53 -7.60
N VAL A 170 5.60 10.11 -8.09
CA VAL A 170 5.23 10.05 -9.49
C VAL A 170 5.20 11.46 -10.05
N LYS A 171 5.94 11.67 -11.14
CA LYS A 171 5.96 12.96 -11.80
C LYS A 171 6.31 12.74 -13.26
N ASP A 172 5.55 13.36 -14.15
CA ASP A 172 5.87 13.32 -15.58
C ASP A 172 6.09 11.90 -16.08
N SER A 173 5.19 11.01 -15.71
CA SER A 173 5.16 9.64 -16.20
C SER A 173 6.35 8.82 -15.75
N LYS A 174 6.97 9.20 -14.64
CA LYS A 174 8.10 8.47 -14.10
CA LYS A 174 8.10 8.48 -14.10
C LYS A 174 7.92 8.23 -12.61
N LEU A 175 8.41 7.08 -12.15
CA LEU A 175 8.27 6.64 -10.77
C LEU A 175 9.64 6.53 -10.10
N THR A 176 9.75 7.07 -8.89
CA THR A 176 10.90 6.85 -8.04
CA THR A 176 10.90 6.87 -8.03
C THR A 176 10.42 6.28 -6.72
N ILE A 177 11.15 5.29 -6.20
CA ILE A 177 10.86 4.70 -4.89
C ILE A 177 12.12 4.82 -4.05
N THR A 178 11.95 5.28 -2.83
CA THR A 178 13.04 5.45 -1.87
C THR A 178 12.66 4.67 -0.61
N VAL A 179 13.59 3.88 -0.08
CA VAL A 179 13.35 3.04 1.07
C VAL A 179 14.45 3.33 2.08
N ASN A 180 14.07 3.71 3.29
CA ASN A 180 15.04 4.11 4.33
C ASN A 180 16.00 5.19 3.81
N GLY A 181 15.47 6.09 3.00
CA GLY A 181 16.27 7.17 2.49
C GLY A 181 17.12 6.84 1.28
N ASN A 182 17.15 5.59 0.85
CA ASN A 182 17.97 5.17 -0.29
C ASN A 182 17.08 4.94 -1.49
N VAL A 183 17.50 5.48 -2.64
CA VAL A 183 16.74 5.25 -3.86
C VAL A 183 16.93 3.81 -4.31
N VAL A 184 15.82 3.12 -4.53
CA VAL A 184 15.84 1.74 -4.99
C VAL A 184 15.20 1.57 -6.36
N VAL A 185 14.48 2.58 -6.86
CA VAL A 185 13.95 2.63 -8.21
C VAL A 185 13.99 4.07 -8.60
N GLY A 187 13.17 6.73 -11.96
CA GLY A 187 12.83 6.98 -13.35
C GLY A 187 12.18 5.81 -14.06
N GLN A 188 11.50 4.94 -13.31
CA GLN A 188 10.75 3.86 -13.95
C GLN A 188 9.63 4.45 -14.78
N ASP A 189 9.53 4.01 -16.03
CA ASP A 189 8.53 4.55 -16.91
C ASP A 189 7.14 4.10 -16.53
N LEU A 190 6.20 5.05 -16.57
CA LEU A 190 4.77 4.83 -16.39
C LEU A 190 3.96 5.30 -17.59
N SER A 191 4.61 5.57 -18.71
CA SER A 191 3.93 6.22 -19.83
CA SER A 191 3.94 6.21 -19.84
C SER A 191 2.84 5.35 -20.45
N PHE A 192 2.88 4.04 -20.27
CA PHE A 192 1.75 3.22 -20.72
C PHE A 192 0.45 3.75 -20.16
N TRP A 193 0.51 4.34 -18.97
CA TRP A 193 -0.66 4.84 -18.26
C TRP A 193 -0.94 6.31 -18.54
N ASP A 194 -0.23 6.92 -19.48
CA ASP A 194 -0.57 8.30 -19.83
C ASP A 194 -2.05 8.40 -20.18
N GLY A 195 -2.70 9.43 -19.67
CA GLY A 195 -4.10 9.61 -19.93
C GLY A 195 -5.03 8.84 -19.02
N THR A 196 -4.54 7.87 -18.24
CA THR A 196 -5.39 7.20 -17.24
C THR A 196 -5.60 8.16 -16.08
N ASP A 197 -6.81 8.69 -15.95
CA ASP A 197 -7.11 9.76 -15.00
C ASP A 197 -7.75 9.26 -13.72
N SER A 198 -7.61 7.97 -13.41
CA SER A 198 -8.30 7.34 -12.30
C SER A 198 -7.32 6.78 -11.27
N CYS A 199 -6.07 7.19 -11.28
CA CYS A 199 -5.09 6.66 -10.34
C CYS A 199 -5.30 7.22 -8.95
N TYR A 200 -4.88 6.44 -7.95
CA TYR A 200 -5.00 6.85 -6.56
C TYR A 200 -4.06 5.99 -5.72
N PHE A 201 -3.66 6.53 -4.58
CA PHE A 201 -2.86 5.76 -3.64
C PHE A 201 -3.72 4.89 -2.74
N LYS A 202 -3.12 3.80 -2.26
CA LYS A 202 -3.68 2.96 -1.21
C LYS A 202 -2.55 2.56 -0.25
N ALA A 203 -2.94 2.19 0.96
CA ALA A 203 -1.97 1.63 1.91
C ALA A 203 -2.72 0.86 2.96
N GLY A 204 -2.07 -0.17 3.50
CA GLY A 204 -2.64 -0.98 4.56
C GLY A 204 -2.19 -2.41 4.41
N ALA A 205 -3.13 -3.34 4.30
CA ALA A 205 -2.81 -4.76 4.14
C ALA A 205 -3.79 -5.40 3.17
N TYR A 206 -3.27 -5.88 2.05
CA TYR A 206 -4.04 -6.61 1.06
CA TYR A 206 -4.04 -6.62 1.05
C TYR A 206 -3.37 -7.98 0.89
N ASN A 207 -4.09 -9.03 1.26
CA ASN A 207 -3.52 -10.36 1.44
C ASN A 207 -3.62 -11.14 0.14
N ASN A 208 -2.49 -11.46 -0.47
CA ASN A 208 -2.43 -12.03 -1.80
CA ASN A 208 -2.44 -12.05 -1.80
C ASN A 208 -1.95 -13.48 -1.74
N ASN A 209 -2.71 -14.39 -2.36
CA ASN A 209 -2.30 -15.78 -2.51
C ASN A 209 -1.89 -16.47 -1.21
N PRO A 210 -2.61 -16.32 -0.12
CA PRO A 210 -2.27 -17.10 1.09
C PRO A 210 -2.50 -18.58 0.87
N THR A 211 -1.78 -19.40 1.62
CA THR A 211 -2.01 -20.84 1.58
C THR A 211 -2.92 -21.33 2.69
N SER A 212 -3.36 -20.44 3.57
CA SER A 212 -4.40 -20.72 4.56
C SER A 212 -5.38 -19.56 4.54
N GLU A 213 -6.67 -19.88 4.54
CA GLU A 213 -7.68 -18.82 4.55
C GLU A 213 -7.81 -18.15 5.91
N SER A 214 -7.33 -18.79 6.98
CA SER A 214 -7.51 -18.24 8.31
C SER A 214 -6.29 -17.47 8.81
N ALA A 215 -5.17 -17.56 8.11
CA ALA A 215 -3.96 -16.88 8.54
C ALA A 215 -4.10 -15.37 8.40
N THR A 216 -3.81 -14.64 9.46
CA THR A 216 -4.05 -13.20 9.48
C THR A 216 -2.77 -12.42 9.21
N ALA A 217 -2.74 -11.69 8.10
CA ALA A 217 -1.70 -10.72 7.80
C ALA A 217 -1.80 -9.54 8.75
N ARG A 218 -0.65 -8.95 9.10
CA ARG A 218 -0.64 -7.88 10.10
C ARG A 218 0.47 -6.90 9.76
N ILE A 219 0.13 -5.62 9.61
CA ILE A 219 1.08 -4.60 9.16
C ILE A 219 0.89 -3.36 10.02
N LYS A 220 1.99 -2.76 10.50
N LYS A 220 1.98 -2.80 10.55
CA LYS A 220 1.93 -1.62 11.43
CA LYS A 220 1.91 -1.63 11.39
C LYS A 220 2.52 -0.36 10.81
C LYS A 220 2.45 -0.41 10.65
N PHE A 221 1.72 0.70 10.70
CA PHE A 221 2.21 1.98 10.17
C PHE A 221 2.51 2.93 11.30
N ALA A 222 3.74 3.44 11.35
CA ALA A 222 4.08 4.52 12.25
C ALA A 222 3.79 5.89 11.65
N ALA A 223 3.68 5.97 10.32
CA ALA A 223 3.39 7.21 9.64
C ALA A 223 2.83 6.87 8.27
N LEU A 224 1.94 7.72 7.77
CA LEU A 224 1.46 7.63 6.41
C LEU A 224 0.96 9.00 5.97
N ALA A 225 1.32 9.41 4.76
CA ALA A 225 0.83 10.66 4.23
C ALA A 225 0.78 10.57 2.72
N TRP A 226 -0.17 11.26 2.13
CA TRP A 226 -0.20 11.44 0.68
CA TRP A 226 -0.26 11.42 0.69
C TRP A 226 -0.41 12.90 0.39
N VAL A 227 0.43 13.41 -0.50
CA VAL A 227 0.48 14.83 -0.82
C VAL A 227 0.62 15.02 -2.32
N ASP A 228 0.16 16.19 -2.79
CA ASP A 228 0.05 16.51 -4.20
C ASP A 228 0.70 17.88 -4.39
N HIS A 229 1.81 17.91 -5.10
CA HIS A 229 2.54 19.15 -5.36
C HIS A 229 2.96 19.20 -6.84
C1 BEM B . -8.34 -4.81 -6.75
C2 BEM B . -8.51 -5.60 -8.03
O2 BEM B . -9.28 -4.78 -8.94
C3 BEM B . -7.24 -5.98 -8.70
O3 BEM B . -7.02 -5.06 -9.80
C4 BEM B . -5.99 -6.02 -7.85
O4 BEM B . -5.72 -7.43 -7.74
C5 BEM B . -6.08 -5.67 -6.36
O5 BEM B . -7.43 -5.54 -5.83
C6 BEM B . -5.32 -4.46 -5.91
O6B BEM B . -4.19 -4.22 -6.43
O6A BEM B . -5.84 -3.79 -4.95
O1 BEM B . -7.80 -3.60 -7.04
H1 BEM B . -9.19 -4.66 -6.33
H2 BEM B . -8.99 -6.42 -7.82
HO2 BEM B . -8.75 -4.27 -9.37
H3 BEM B . -7.37 -6.90 -9.00
HO3 BEM B . -6.48 -5.42 -10.35
H4 BEM B . -5.38 -5.40 -8.28
H5 BEM B . -5.62 -6.44 -6.00
HO1 BEM B . -7.75 -3.50 -7.89
C1 BEM B . -4.34 -7.75 -7.90
C2 BEM B . -4.12 -9.22 -7.65
O2 BEM B . -4.96 -9.97 -8.55
C3 BEM B . -2.69 -9.55 -7.93
O3 BEM B . -2.57 -10.99 -7.92
C4 BEM B . -2.18 -9.06 -9.27
O4 BEM B . -0.75 -9.12 -9.36
C5 BEM B . -2.55 -7.62 -9.55
O5 BEM B . -3.94 -7.38 -9.26
C6 BEM B . -2.38 -7.33 -11.00
O6B BEM B . -3.24 -7.74 -11.83
O6A BEM B . -1.40 -6.65 -11.38
H1 BEM B . -3.82 -7.27 -7.23
H2 BEM B . -4.35 -9.45 -6.74
HO2 BEM B . -5.45 -9.44 -8.99
H3 BEM B . -2.15 -9.13 -7.24
HO3 BEM B . -1.75 -11.21 -7.97
H4 BEM B . -2.58 -9.68 -9.90
H5 BEM B . -1.95 -7.06 -9.03
C1 BEM B . -0.33 -10.16 -10.22
C2 BEM B . 1.12 -10.04 -10.59
O2 BEM B . 1.88 -10.03 -9.37
C3 BEM B . 1.52 -11.22 -11.42
O3 BEM B . 2.92 -11.07 -11.76
C4 BEM B . 1.30 -12.51 -10.72
O4 BEM B . 1.55 -13.62 -11.58
C5 BEM B . -0.15 -12.61 -10.29
O5 BEM B . -0.53 -11.44 -9.51
C6 BEM B . -0.40 -13.79 -9.41
O6B BEM B . -0.79 -14.88 -9.93
O6A BEM B . -0.24 -13.69 -8.17
H1 BEM B . -0.83 -10.09 -11.05
H2 BEM B . 1.30 -9.22 -11.08
HO2 BEM B . 2.70 -9.87 -9.55
H3 BEM B . 1.00 -11.22 -12.24
HO3 BEM B . 3.11 -10.24 -11.79
H4 BEM B . 1.92 -12.58 -9.97
H5 BEM B . -0.68 -12.71 -11.09
C1 BEM B . 2.50 -14.55 -11.02
C2 BEM B . 2.31 -15.90 -11.70
O2 BEM B . 2.38 -15.71 -13.13
C3 BEM B . 3.35 -16.86 -11.27
O3 BEM B . 3.25 -18.09 -12.03
C4 BEM B . 4.73 -16.32 -11.48
O4 BEM B . 5.68 -17.23 -10.95
C5 BEM B . 4.92 -14.97 -10.79
O5 BEM B . 3.88 -14.00 -11.16
C6 BEM B . 6.27 -14.47 -11.20
O6B BEM B . 6.46 -13.25 -11.42
O6A BEM B . 7.23 -15.29 -11.31
H1 BEM B . 2.32 -14.69 -10.08
H2 BEM B . 1.44 -16.26 -11.48
HO2 BEM B . 2.73 -14.95 -13.30
H3 BEM B . 3.21 -17.04 -10.33
HO3 BEM B . 3.00 -17.92 -12.82
H4 BEM B . 4.88 -16.22 -12.44
HO4 BEM B . 5.27 -17.90 -10.60
H5 BEM B . 4.88 -15.07 -9.82
#